data_7COD
#
_entry.id   7COD
#
_cell.length_a   60.180
_cell.length_b   68.520
_cell.length_c   111.910
_cell.angle_alpha   90.000
_cell.angle_beta   90.000
_cell.angle_gamma   90.000
#
_symmetry.space_group_name_H-M   'P 21 21 21'
#
loop_
_entity.id
_entity.type
_entity.pdbx_description
1 polymer 'DNA-directed DNA/RNA polymerase mu'
2 polymer "DNA (5'-D(*CP*GP*GP*CP*TP*TP*AP*CP*G)-3')"
3 polymer "DNA (5'-D(*CP*GP*TP*AP*G)-3')"
4 polymer "DNA (5'-D(P*GP*CP*CP*G)-3')"
5 non-polymer GLYCEROL
6 non-polymer "2'-DEOXYGUANOSINE-5'-TRIPHOSPHATE"
7 non-polymer 'MAGNESIUM ION'
8 non-polymer 'SODIUM ION'
9 water water
#
loop_
_entity_poly.entity_id
_entity_poly.type
_entity_poly.pdbx_seq_one_letter_code
_entity_poly.pdbx_strand_id
1 'polypeptide(L)'
;MLPKRRRARVGSPSGDAASSTPPSTRFPGVAIYLVEPRMGRSRRAFLTGLARSKGFRVLDACSSEATHVVMEETSAEEAV
SWQERRMAAAPPGCTPPALLDISWLTESLGAGQPVPVECRHRLEVAGPRKGPLSPAWMPAYACQRPTPLTHHNTGLSEAL
EILAEAAGFEGSEGRLLTFCRAASVLKALPSPVTTLSQLQGLPHFGEHSSRVVQELLEHGVCEEVERVRRSERYQTMKLF
TQIFGVGVKTADRWYREGLRTLDDLREQPQKLTQQQKAGLQHHQDLSTPVLRSDVDALQQVVEEAVGQALPGATVTLTGG
FRRGKLQGHDVDFLITHPKEGQEAGLLPRVMCRLQDQGLILYHQHQHSCCESPTRLAQQSHMDAFERSFCIFRLPQPGSW
KAVRVDLVVAPVSQFPFALLGWTGSALFARELRRFSRKEKGLWLNSHGLFDPEQKTFFQAASEEDIFRHLGLEYLPPEQR
NA
;
A
2 'polydeoxyribonucleotide' (DC)(DG)(DG)(DC)(DT)(DT)(DA)(DC)(DG) T
3 'polydeoxyribonucleotide' (DC)(DG)(DT)(DA)(DG) P
4 'polydeoxyribonucleotide' (DG)(DC)(DC)(DG) D
#
loop_
_chem_comp.id
_chem_comp.type
_chem_comp.name
_chem_comp.formula
DA DNA linking 2'-DEOXYADENOSINE-5'-MONOPHOSPHATE 'C10 H14 N5 O6 P'
DC DNA linking 2'-DEOXYCYTIDINE-5'-MONOPHOSPHATE 'C9 H14 N3 O7 P'
DG DNA linking 2'-DEOXYGUANOSINE-5'-MONOPHOSPHATE 'C10 H14 N5 O7 P'
DGT non-polymer 2'-DEOXYGUANOSINE-5'-TRIPHOSPHATE 'C10 H16 N5 O13 P3'
DT DNA linking THYMIDINE-5'-MONOPHOSPHATE 'C10 H15 N2 O8 P'
GOL non-polymer GLYCEROL 'C3 H8 O3'
MG non-polymer 'MAGNESIUM ION' 'Mg 2'
NA non-polymer 'SODIUM ION' 'Na 1'
#
# COMPACT_ATOMS: atom_id res chain seq x y z
N PRO A 139 2.68 20.67 9.99
CA PRO A 139 3.83 20.42 9.12
C PRO A 139 3.43 19.93 7.74
N ALA A 140 4.34 20.15 6.79
CA ALA A 140 4.05 19.91 5.39
C ALA A 140 4.18 18.45 4.99
N TYR A 141 5.04 17.68 5.66
CA TYR A 141 5.27 16.29 5.30
C TYR A 141 4.44 15.37 6.19
N ALA A 142 3.89 14.30 5.60
CA ALA A 142 3.04 13.41 6.38
C ALA A 142 3.83 12.69 7.47
N CYS A 143 5.13 12.48 7.26
CA CYS A 143 5.91 11.77 8.27
C CYS A 143 6.21 12.63 9.49
N GLN A 144 5.81 13.90 9.48
CA GLN A 144 6.03 14.81 10.60
C GLN A 144 4.83 14.93 11.53
N ARG A 145 3.77 14.17 11.29
CA ARG A 145 2.58 14.29 12.10
C ARG A 145 1.94 12.92 12.26
N PRO A 146 1.30 12.65 13.40
CA PRO A 146 0.54 11.40 13.53
C PRO A 146 -0.69 11.46 12.65
N THR A 147 -0.99 10.33 12.01
CA THR A 147 -2.21 10.19 11.21
C THR A 147 -2.89 8.89 11.62
N PRO A 148 -3.97 8.98 12.39
CA PRO A 148 -4.63 7.77 12.87
C PRO A 148 -5.46 7.14 11.77
N LEU A 149 -5.87 5.90 12.02
CA LEU A 149 -6.63 5.17 11.01
C LEU A 149 -8.00 5.81 10.80
N THR A 150 -8.66 6.18 11.91
CA THR A 150 -9.99 6.83 11.88
C THR A 150 -9.81 8.29 12.32
N HIS A 151 -10.61 9.21 11.79
CA HIS A 151 -10.38 10.61 12.08
C HIS A 151 -11.71 11.38 12.01
N HIS A 152 -11.60 12.70 11.81
CA HIS A 152 -12.73 13.62 11.97
C HIS A 152 -13.09 14.30 10.67
N ASN A 153 -12.56 13.86 9.54
CA ASN A 153 -12.83 14.54 8.28
C ASN A 153 -12.99 13.52 7.17
N THR A 154 -13.66 12.41 7.49
CA THR A 154 -13.72 11.27 6.59
C THR A 154 -14.31 11.63 5.23
N GLY A 155 -15.45 12.32 5.22
CA GLY A 155 -16.09 12.67 3.96
C GLY A 155 -15.22 13.57 3.09
N LEU A 156 -14.60 14.56 3.71
CA LEU A 156 -13.74 15.48 2.96
C LEU A 156 -12.53 14.76 2.37
N SER A 157 -11.86 13.94 3.18
CA SER A 157 -10.69 13.23 2.66
C SER A 157 -11.06 12.26 1.56
N GLU A 158 -12.21 11.59 1.66
N GLU A 158 -12.19 11.57 1.69
CA GLU A 158 -12.59 10.64 0.63
CA GLU A 158 -12.64 10.66 0.63
C GLU A 158 -12.91 11.33 -0.69
C GLU A 158 -12.78 11.39 -0.69
N ALA A 159 -13.39 12.58 -0.65
CA ALA A 159 -13.62 13.32 -1.89
C ALA A 159 -12.31 13.71 -2.57
N LEU A 160 -11.35 14.21 -1.79
CA LEU A 160 -10.06 14.57 -2.38
C LEU A 160 -9.35 13.33 -2.92
N GLU A 161 -9.55 12.19 -2.28
CA GLU A 161 -8.90 10.99 -2.79
C GLU A 161 -9.54 10.48 -4.08
N ILE A 162 -10.81 10.79 -4.33
CA ILE A 162 -11.38 10.48 -5.64
C ILE A 162 -10.66 11.28 -6.72
N LEU A 163 -10.45 12.58 -6.47
CA LEU A 163 -9.76 13.41 -7.46
C LEU A 163 -8.32 12.95 -7.65
N ALA A 164 -7.66 12.53 -6.57
CA ALA A 164 -6.28 12.04 -6.68
C ALA A 164 -6.24 10.81 -7.55
N GLU A 165 -7.16 9.87 -7.31
CA GLU A 165 -7.20 8.63 -8.06
C GLU A 165 -7.44 8.89 -9.54
N ALA A 166 -8.35 9.82 -9.85
CA ALA A 166 -8.63 10.19 -11.23
C ALA A 166 -7.43 10.85 -11.89
N ALA A 167 -6.71 11.69 -11.14
CA ALA A 167 -5.50 12.27 -11.71
C ALA A 167 -4.50 11.17 -12.11
N GLY A 168 -4.38 10.14 -11.28
CA GLY A 168 -3.49 9.03 -11.60
C GLY A 168 -3.91 8.30 -12.85
N PHE A 169 -5.23 8.07 -13.02
CA PHE A 169 -5.72 7.41 -14.21
C PHE A 169 -5.39 8.19 -15.48
N GLU A 170 -5.20 9.51 -15.36
CA GLU A 170 -4.84 10.31 -16.52
C GLU A 170 -3.34 10.56 -16.61
N GLY A 171 -2.55 9.92 -15.74
CA GLY A 171 -1.10 10.11 -15.78
C GLY A 171 -0.61 11.42 -15.21
N SER A 172 -1.42 12.09 -14.39
CA SER A 172 -1.03 13.37 -13.80
C SER A 172 -0.48 13.09 -12.41
N GLU A 173 0.80 12.68 -12.38
CA GLU A 173 1.39 12.26 -11.12
C GLU A 173 1.51 13.41 -10.13
N GLY A 174 1.77 14.62 -10.64
CA GLY A 174 1.88 15.77 -9.74
C GLY A 174 0.57 16.09 -9.06
N ARG A 175 -0.51 16.17 -9.85
N ARG A 175 -0.52 16.14 -9.84
CA ARG A 175 -1.83 16.41 -9.28
CA ARG A 175 -1.82 16.43 -9.25
C ARG A 175 -2.23 15.31 -8.30
C ARG A 175 -2.31 15.30 -8.35
N LEU A 176 -1.96 14.05 -8.67
CA LEU A 176 -2.29 12.95 -7.78
C LEU A 176 -1.63 13.14 -6.42
N LEU A 177 -0.35 13.51 -6.42
CA LEU A 177 0.35 13.72 -5.17
C LEU A 177 -0.29 14.84 -4.35
N THR A 178 -0.63 15.96 -4.99
CA THR A 178 -1.16 17.09 -4.23
C THR A 178 -2.50 16.74 -3.59
N PHE A 179 -3.40 16.15 -4.37
CA PHE A 179 -4.68 15.75 -3.79
C PHE A 179 -4.50 14.69 -2.70
N CYS A 180 -3.57 13.75 -2.90
CA CYS A 180 -3.30 12.76 -1.85
C CYS A 180 -2.77 13.44 -0.58
N ARG A 181 -1.83 14.38 -0.74
CA ARG A 181 -1.29 15.06 0.43
C ARG A 181 -2.36 15.92 1.10
N ALA A 182 -3.20 16.59 0.32
CA ALA A 182 -4.26 17.40 0.93
C ALA A 182 -5.26 16.53 1.69
N ALA A 183 -5.62 15.38 1.13
CA ALA A 183 -6.48 14.46 1.88
C ALA A 183 -5.82 14.03 3.19
N SER A 184 -4.51 13.72 3.14
N SER A 184 -4.52 13.71 3.15
CA SER A 184 -3.80 13.26 4.32
CA SER A 184 -3.85 13.24 4.37
C SER A 184 -3.72 14.32 5.41
C SER A 184 -3.77 14.33 5.43
N VAL A 185 -3.66 15.60 5.03
CA VAL A 185 -3.66 16.69 6.02
C VAL A 185 -4.96 16.66 6.82
N LEU A 186 -6.08 16.47 6.13
CA LEU A 186 -7.37 16.44 6.82
C LEU A 186 -7.47 15.24 7.75
N LYS A 187 -6.84 14.12 7.37
CA LYS A 187 -6.85 12.96 8.26
C LYS A 187 -6.11 13.25 9.56
N ALA A 188 -5.15 14.16 9.53
CA ALA A 188 -4.32 14.44 10.69
C ALA A 188 -4.90 15.52 11.60
N LEU A 189 -6.00 16.15 11.20
CA LEU A 189 -6.55 17.25 11.99
C LEU A 189 -7.25 16.73 13.25
N PRO A 190 -7.22 17.50 14.34
CA PRO A 190 -7.81 17.05 15.60
C PRO A 190 -9.33 17.19 15.69
N SER A 191 -9.99 17.81 14.72
CA SER A 191 -11.43 18.03 14.80
C SER A 191 -11.97 18.26 13.40
N PRO A 192 -13.28 18.21 13.20
CA PRO A 192 -13.84 18.40 11.87
C PRO A 192 -13.61 19.82 11.35
N VAL A 193 -13.38 19.91 10.04
CA VAL A 193 -13.42 21.19 9.35
C VAL A 193 -14.87 21.54 9.08
N THR A 194 -15.34 22.65 9.65
CA THR A 194 -16.70 23.11 9.40
C THR A 194 -16.81 24.43 8.64
N THR A 195 -15.75 25.24 8.60
CA THR A 195 -15.74 26.46 7.81
C THR A 195 -14.48 26.55 6.98
N LEU A 196 -14.56 27.29 5.87
CA LEU A 196 -13.42 27.47 4.93
C LEU A 196 -12.22 28.08 5.64
N SER A 197 -12.43 28.93 6.65
CA SER A 197 -11.33 29.59 7.33
C SER A 197 -10.38 28.60 8.01
N GLN A 198 -10.88 27.44 8.41
CA GLN A 198 -10.02 26.44 9.02
C GLN A 198 -8.98 25.90 8.04
N LEU A 199 -9.17 26.08 6.74
CA LEU A 199 -8.17 25.65 5.77
C LEU A 199 -7.00 26.62 5.66
N GLN A 200 -7.12 27.80 6.27
CA GLN A 200 -6.07 28.81 6.17
C GLN A 200 -4.77 28.30 6.78
N GLY A 201 -3.69 28.43 6.02
CA GLY A 201 -2.40 27.98 6.47
C GLY A 201 -2.16 26.49 6.39
N LEU A 202 -3.14 25.70 5.92
CA LEU A 202 -2.91 24.25 5.85
C LEU A 202 -2.06 23.93 4.62
N PRO A 203 -1.01 23.13 4.76
CA PRO A 203 -0.18 22.79 3.60
C PRO A 203 -0.97 21.98 2.59
N HIS A 204 -0.68 22.22 1.31
CA HIS A 204 -1.24 21.52 0.15
C HIS A 204 -2.69 21.87 -0.11
N PHE A 205 -3.22 22.92 0.51
CA PHE A 205 -4.53 23.45 0.18
C PHE A 205 -4.34 24.76 -0.56
N GLY A 206 -4.70 24.77 -1.84
CA GLY A 206 -4.73 25.96 -2.67
C GLY A 206 -6.12 26.12 -3.23
N GLU A 207 -6.24 26.77 -4.39
CA GLU A 207 -7.58 27.14 -4.87
C GLU A 207 -8.43 25.91 -5.14
N HIS A 208 -7.86 24.90 -5.78
CA HIS A 208 -8.66 23.77 -6.23
C HIS A 208 -9.15 22.92 -5.06
N SER A 209 -8.24 22.50 -4.18
N SER A 209 -8.24 22.52 -4.17
CA SER A 209 -8.66 21.69 -3.04
CA SER A 209 -8.66 21.68 -3.05
C SER A 209 -9.59 22.47 -2.11
C SER A 209 -9.54 22.45 -2.07
N SER A 210 -9.36 23.77 -1.95
CA SER A 210 -10.22 24.57 -1.09
C SER A 210 -11.62 24.69 -1.66
N ARG A 211 -11.74 24.80 -2.98
CA ARG A 211 -13.06 24.89 -3.60
C ARG A 211 -13.82 23.59 -3.44
N VAL A 212 -13.14 22.45 -3.54
CA VAL A 212 -13.79 21.18 -3.32
C VAL A 212 -14.35 21.10 -1.90
N VAL A 213 -13.57 21.51 -0.91
CA VAL A 213 -14.03 21.46 0.46
C VAL A 213 -15.19 22.44 0.67
N GLN A 214 -15.10 23.62 0.07
CA GLN A 214 -16.17 24.61 0.23
C GLN A 214 -17.49 24.09 -0.33
N GLU A 215 -17.45 23.41 -1.47
CA GLU A 215 -18.69 22.89 -2.03
C GLU A 215 -19.24 21.75 -1.17
N LEU A 216 -18.36 20.93 -0.61
CA LEU A 216 -18.85 19.88 0.29
C LEU A 216 -19.47 20.50 1.54
N LEU A 217 -18.85 21.56 2.09
CA LEU A 217 -19.38 22.20 3.29
C LEU A 217 -20.73 22.87 3.01
N GLU A 218 -20.91 23.44 1.82
CA GLU A 218 -22.10 24.22 1.52
C GLU A 218 -23.25 23.35 1.03
N HIS A 219 -22.98 22.39 0.14
CA HIS A 219 -24.02 21.64 -0.53
C HIS A 219 -24.00 20.14 -0.24
N GLY A 220 -23.01 19.65 0.48
CA GLY A 220 -22.90 18.23 0.77
C GLY A 220 -22.35 17.39 -0.35
N VAL A 221 -22.12 18.02 -1.50
CA VAL A 221 -21.60 17.28 -2.68
C VAL A 221 -20.76 18.24 -3.51
N CYS A 222 -19.70 17.73 -4.13
CA CYS A 222 -18.84 18.51 -5.02
C CYS A 222 -19.09 18.03 -6.45
N GLU A 223 -19.55 18.95 -7.30
CA GLU A 223 -19.98 18.57 -8.65
C GLU A 223 -18.85 17.89 -9.42
N GLU A 224 -17.62 18.41 -9.30
CA GLU A 224 -16.49 17.79 -9.98
C GLU A 224 -16.31 16.34 -9.54
N VAL A 225 -16.34 16.09 -8.23
CA VAL A 225 -16.18 14.75 -7.69
C VAL A 225 -17.28 13.83 -8.20
N GLU A 226 -18.53 14.31 -8.15
CA GLU A 226 -19.67 13.47 -8.60
C GLU A 226 -19.51 13.13 -10.08
N ARG A 227 -19.11 14.10 -10.90
CA ARG A 227 -18.91 13.86 -12.32
C ARG A 227 -17.84 12.80 -12.56
N VAL A 228 -16.76 12.84 -11.77
CA VAL A 228 -15.74 11.81 -11.87
C VAL A 228 -16.31 10.44 -11.51
N ARG A 229 -17.03 10.38 -10.38
CA ARG A 229 -17.61 9.10 -9.89
C ARG A 229 -18.40 8.37 -10.97
N ARG A 230 -19.27 9.08 -11.69
CA ARG A 230 -20.13 8.43 -12.66
C ARG A 230 -19.54 8.36 -14.05
N SER A 231 -18.31 8.83 -14.25
CA SER A 231 -17.76 8.84 -15.60
C SER A 231 -17.35 7.42 -15.99
N GLU A 232 -17.59 7.09 -17.26
CA GLU A 232 -17.24 5.78 -17.76
C GLU A 232 -15.73 5.55 -17.68
N ARG A 233 -14.94 6.59 -17.88
CA ARG A 233 -13.49 6.44 -17.84
C ARG A 233 -13.04 6.08 -16.44
N TYR A 234 -13.52 6.80 -15.44
CA TYR A 234 -13.08 6.52 -14.07
C TYR A 234 -13.53 5.13 -13.62
N GLN A 235 -14.78 4.77 -13.89
CA GLN A 235 -15.28 3.48 -13.42
C GLN A 235 -14.50 2.33 -14.04
N THR A 236 -14.17 2.42 -15.33
CA THR A 236 -13.47 1.33 -16.00
C THR A 236 -12.02 1.26 -15.56
N MET A 237 -11.33 2.40 -15.51
CA MET A 237 -9.94 2.40 -15.05
C MET A 237 -9.85 1.85 -13.63
N LYS A 238 -10.82 2.19 -12.78
CA LYS A 238 -10.84 1.66 -11.44
C LYS A 238 -11.04 0.14 -11.46
N LEU A 239 -12.01 -0.32 -12.27
CA LEU A 239 -12.24 -1.76 -12.40
C LEU A 239 -11.01 -2.50 -12.92
N PHE A 240 -10.36 -1.96 -13.95
CA PHE A 240 -9.25 -2.68 -14.58
C PHE A 240 -8.00 -2.64 -13.68
N THR A 241 -7.66 -1.48 -13.11
CA THR A 241 -6.45 -1.41 -12.28
C THR A 241 -6.58 -2.22 -11.01
N GLN A 242 -7.81 -2.45 -10.53
CA GLN A 242 -8.04 -3.27 -9.36
C GLN A 242 -7.60 -4.72 -9.58
N ILE A 243 -7.48 -5.14 -10.84
CA ILE A 243 -7.07 -6.51 -11.14
C ILE A 243 -5.59 -6.68 -10.77
N PHE A 244 -5.28 -7.78 -10.07
CA PHE A 244 -3.90 -8.17 -9.82
C PHE A 244 -3.20 -8.47 -11.14
N GLY A 245 -2.14 -7.72 -11.43
CA GLY A 245 -1.43 -7.86 -12.68
C GLY A 245 -1.72 -6.78 -13.72
N VAL A 246 -2.68 -5.90 -13.46
CA VAL A 246 -3.06 -4.84 -14.39
C VAL A 246 -2.81 -3.50 -13.70
N GLY A 247 -1.96 -2.67 -14.32
CA GLY A 247 -1.73 -1.32 -13.85
C GLY A 247 -2.37 -0.28 -14.75
N VAL A 248 -2.06 0.99 -14.46
CA VAL A 248 -2.70 2.09 -15.18
C VAL A 248 -2.39 2.01 -16.68
N LYS A 249 -1.14 1.71 -17.04
CA LYS A 249 -0.79 1.70 -18.46
C LYS A 249 -1.54 0.61 -19.21
N THR A 250 -1.66 -0.58 -18.61
CA THR A 250 -2.40 -1.65 -19.28
C THR A 250 -3.89 -1.34 -19.33
N ALA A 251 -4.44 -0.87 -18.21
CA ALA A 251 -5.85 -0.48 -18.18
C ALA A 251 -6.15 0.58 -19.23
N ASP A 252 -5.27 1.58 -19.37
CA ASP A 252 -5.52 2.65 -20.33
C ASP A 252 -5.51 2.12 -21.76
N ARG A 253 -4.59 1.22 -22.09
CA ARG A 253 -4.57 0.67 -23.45
C ARG A 253 -5.83 -0.12 -23.72
N TRP A 254 -6.25 -0.95 -22.76
CA TRP A 254 -7.49 -1.69 -22.93
C TRP A 254 -8.68 -0.76 -23.09
N TYR A 255 -8.73 0.33 -22.31
CA TYR A 255 -9.80 1.31 -22.45
C TYR A 255 -9.84 1.91 -23.84
N ARG A 256 -8.67 2.31 -24.36
CA ARG A 256 -8.60 2.93 -25.68
C ARG A 256 -9.00 1.93 -26.77
N GLU A 257 -8.75 0.64 -26.55
CA GLU A 257 -9.21 -0.38 -27.47
C GLU A 257 -10.70 -0.68 -27.34
N GLY A 258 -11.40 0.01 -26.45
CA GLY A 258 -12.84 -0.12 -26.33
C GLY A 258 -13.32 -1.08 -25.28
N LEU A 259 -12.42 -1.79 -24.60
CA LEU A 259 -12.85 -2.75 -23.58
C LEU A 259 -13.38 -2.03 -22.35
N ARG A 260 -14.40 -2.63 -21.72
CA ARG A 260 -15.07 -1.95 -20.62
C ARG A 260 -15.37 -2.83 -19.41
N THR A 261 -15.54 -4.15 -19.57
CA THR A 261 -15.99 -5.00 -18.48
C THR A 261 -15.01 -6.15 -18.30
N LEU A 262 -15.12 -6.82 -17.14
CA LEU A 262 -14.30 -8.00 -16.92
C LEU A 262 -14.59 -9.06 -17.97
N ASP A 263 -15.86 -9.19 -18.37
CA ASP A 263 -16.21 -10.16 -19.40
C ASP A 263 -15.61 -9.79 -20.76
N ASP A 264 -15.45 -8.50 -21.05
CA ASP A 264 -14.71 -8.12 -22.26
C ASP A 264 -13.28 -8.66 -22.23
N LEU A 265 -12.64 -8.61 -21.07
CA LEU A 265 -11.27 -9.10 -21.00
C LEU A 265 -11.22 -10.62 -21.12
N ARG A 266 -12.16 -11.31 -20.48
CA ARG A 266 -12.20 -12.76 -20.54
C ARG A 266 -12.39 -13.28 -21.95
N GLU A 267 -13.09 -12.53 -22.81
CA GLU A 267 -13.28 -12.93 -24.21
C GLU A 267 -12.01 -12.79 -25.06
N GLN A 268 -10.94 -12.23 -24.51
CA GLN A 268 -9.72 -11.98 -25.28
C GLN A 268 -8.50 -12.51 -24.52
N PRO A 269 -8.47 -13.80 -24.22
CA PRO A 269 -7.39 -14.32 -23.36
C PRO A 269 -6.01 -14.18 -23.98
N GLN A 270 -5.90 -14.00 -25.30
CA GLN A 270 -4.61 -13.78 -25.91
C GLN A 270 -3.97 -12.46 -25.48
N LYS A 271 -4.79 -11.50 -25.03
N LYS A 271 -4.79 -11.50 -25.03
CA LYS A 271 -4.29 -10.21 -24.57
CA LYS A 271 -4.27 -10.22 -24.57
C LYS A 271 -3.79 -10.26 -23.13
C LYS A 271 -3.74 -10.27 -23.14
N LEU A 272 -3.86 -11.40 -22.46
CA LEU A 272 -3.59 -11.50 -21.03
C LEU A 272 -2.31 -12.27 -20.74
N THR A 273 -1.53 -11.76 -19.78
CA THR A 273 -0.46 -12.56 -19.21
C THR A 273 -1.04 -13.61 -18.27
N GLN A 274 -0.20 -14.58 -17.90
CA GLN A 274 -0.64 -15.59 -16.92
C GLN A 274 -0.98 -14.94 -15.60
N GLN A 275 -0.21 -13.92 -15.20
CA GLN A 275 -0.52 -13.20 -13.97
C GLN A 275 -1.88 -12.53 -14.05
N GLN A 276 -2.17 -11.89 -15.18
CA GLN A 276 -3.45 -11.24 -15.35
C GLN A 276 -4.59 -12.25 -15.45
N LYS A 277 -4.32 -13.42 -16.05
CA LYS A 277 -5.31 -14.47 -16.07
C LYS A 277 -5.69 -14.90 -14.66
N ALA A 278 -4.69 -15.07 -13.79
CA ALA A 278 -4.95 -15.41 -12.39
C ALA A 278 -5.72 -14.29 -11.69
N GLY A 279 -5.30 -13.04 -11.90
CA GLY A 279 -6.01 -11.92 -11.28
C GLY A 279 -7.45 -11.81 -11.73
N LEU A 280 -7.70 -12.13 -13.01
CA LEU A 280 -9.06 -12.06 -13.59
C LEU A 280 -9.92 -13.21 -13.04
N GLN A 281 -9.37 -14.43 -13.01
CA GLN A 281 -10.13 -15.58 -12.53
C GLN A 281 -10.50 -15.44 -11.06
N HIS A 282 -9.60 -14.90 -10.25
CA HIS A 282 -9.83 -14.73 -8.83
C HIS A 282 -10.38 -13.35 -8.48
N HIS A 283 -10.88 -12.61 -9.46
CA HIS A 283 -11.19 -11.20 -9.21
C HIS A 283 -12.25 -11.05 -8.15
N GLN A 284 -13.27 -11.92 -8.15
CA GLN A 284 -14.36 -11.72 -7.22
C GLN A 284 -13.90 -11.92 -5.77
N ASP A 285 -13.17 -13.00 -5.51
CA ASP A 285 -12.63 -13.21 -4.17
C ASP A 285 -11.66 -12.09 -3.79
N LEU A 286 -10.81 -11.67 -4.74
CA LEU A 286 -9.84 -10.63 -4.41
C LEU A 286 -10.47 -9.27 -4.18
N SER A 287 -11.73 -9.07 -4.58
CA SER A 287 -12.43 -7.83 -4.35
C SER A 287 -13.21 -7.85 -3.03
N THR A 288 -13.19 -8.97 -2.32
N THR A 288 -13.19 -8.97 -2.32
CA THR A 288 -13.76 -9.13 -1.00
CA THR A 288 -13.76 -9.13 -1.00
C THR A 288 -12.71 -8.83 0.06
C THR A 288 -12.71 -8.83 0.06
N PRO A 289 -12.97 -7.88 0.97
CA PRO A 289 -11.94 -7.51 1.96
C PRO A 289 -11.48 -8.70 2.82
N VAL A 290 -10.17 -8.82 2.96
CA VAL A 290 -9.61 -9.73 3.95
C VAL A 290 -9.89 -9.18 5.34
N LEU A 291 -10.33 -10.05 6.26
CA LEU A 291 -10.63 -9.63 7.62
C LEU A 291 -9.47 -9.94 8.57
N ARG A 292 -9.39 -9.15 9.64
CA ARG A 292 -8.34 -9.38 10.63
C ARG A 292 -8.39 -10.79 11.18
N SER A 293 -9.59 -11.37 11.31
CA SER A 293 -9.70 -12.77 11.73
C SER A 293 -8.98 -13.69 10.75
N ASP A 294 -9.04 -13.38 9.45
CA ASP A 294 -8.35 -14.19 8.46
C ASP A 294 -6.84 -14.19 8.66
N VAL A 295 -6.31 -13.08 9.18
CA VAL A 295 -4.86 -12.85 9.15
C VAL A 295 -4.14 -13.82 10.08
N ASP A 296 -4.71 -14.05 11.26
CA ASP A 296 -4.02 -14.87 12.25
C ASP A 296 -3.87 -16.33 11.78
N ALA A 297 -4.91 -16.88 11.15
CA ALA A 297 -4.80 -18.25 10.64
C ALA A 297 -3.75 -18.33 9.52
N LEU A 298 -3.74 -17.34 8.63
CA LEU A 298 -2.72 -17.28 7.58
C LEU A 298 -1.32 -17.18 8.15
N GLN A 299 -1.12 -16.34 9.16
CA GLN A 299 0.22 -16.17 9.69
C GLN A 299 0.73 -17.48 10.27
N GLN A 300 -0.15 -18.24 10.93
CA GLN A 300 0.27 -19.51 11.49
C GLN A 300 0.72 -20.46 10.39
N VAL A 301 0.04 -20.48 9.25
N VAL A 301 0.00 -20.49 9.28
CA VAL A 301 0.44 -21.43 8.22
CA VAL A 301 0.37 -21.37 8.16
C VAL A 301 1.73 -20.99 7.54
C VAL A 301 1.73 -20.97 7.61
N VAL A 302 1.95 -19.67 7.41
CA VAL A 302 3.21 -19.19 6.87
C VAL A 302 4.36 -19.50 7.84
N GLU A 303 4.12 -19.31 9.14
CA GLU A 303 5.16 -19.58 10.12
C GLU A 303 5.55 -21.04 10.11
N GLU A 304 4.55 -21.93 9.94
CA GLU A 304 4.82 -23.37 9.86
C GLU A 304 5.76 -23.68 8.71
N ALA A 305 5.47 -23.16 7.52
CA ALA A 305 6.31 -23.43 6.37
C ALA A 305 7.68 -22.80 6.54
N VAL A 306 7.72 -21.57 7.03
CA VAL A 306 8.99 -20.86 7.25
C VAL A 306 9.85 -21.62 8.26
N GLY A 307 9.23 -22.17 9.30
CA GLY A 307 9.98 -22.87 10.32
C GLY A 307 10.64 -24.15 9.82
N GLN A 308 9.99 -24.83 8.86
CA GLN A 308 10.59 -26.01 8.27
C GLN A 308 11.65 -25.61 7.23
N ALA A 309 11.42 -24.51 6.52
CA ALA A 309 12.40 -24.07 5.53
C ALA A 309 13.68 -23.59 6.21
N LEU A 310 13.57 -22.98 7.38
CA LEU A 310 14.75 -22.49 8.07
C LEU A 310 14.44 -22.27 9.55
N PRO A 311 14.76 -23.23 10.41
CA PRO A 311 14.50 -23.06 11.84
C PRO A 311 15.12 -21.77 12.36
N GLY A 312 14.36 -21.06 13.18
CA GLY A 312 14.78 -19.79 13.71
C GLY A 312 14.33 -18.58 12.94
N ALA A 313 13.86 -18.75 11.71
CA ALA A 313 13.40 -17.61 10.93
C ALA A 313 12.07 -17.13 11.49
N THR A 314 11.83 -15.82 11.40
CA THR A 314 10.64 -15.23 12.01
C THR A 314 9.76 -14.60 10.94
N VAL A 315 8.48 -14.41 11.28
CA VAL A 315 7.49 -13.83 10.38
C VAL A 315 6.85 -12.66 11.11
N THR A 316 6.85 -11.49 10.47
CA THR A 316 6.28 -10.28 11.07
C THR A 316 5.19 -9.74 10.17
N LEU A 317 4.00 -9.53 10.73
CA LEU A 317 2.90 -8.93 9.99
C LEU A 317 3.25 -7.47 9.71
N THR A 318 3.11 -7.05 8.46
N THR A 318 3.09 -7.05 8.47
CA THR A 318 3.37 -5.68 8.06
CA THR A 318 3.40 -5.67 8.09
C THR A 318 2.17 -5.07 7.37
C THR A 318 2.20 -5.13 7.30
N GLY A 319 2.42 -4.09 6.49
CA GLY A 319 1.32 -3.49 5.76
C GLY A 319 0.20 -2.94 6.64
N GLY A 320 -0.98 -2.87 6.03
CA GLY A 320 -2.09 -2.15 6.66
C GLY A 320 -2.55 -2.77 7.97
N PHE A 321 -2.49 -4.10 8.08
CA PHE A 321 -2.90 -4.73 9.34
C PHE A 321 -1.96 -4.35 10.48
N ARG A 322 -0.66 -4.14 10.20
CA ARG A 322 0.21 -3.68 11.25
C ARG A 322 -0.14 -2.26 11.67
N ARG A 323 -0.74 -1.47 10.78
CA ARG A 323 -1.17 -0.12 11.11
C ARG A 323 -2.51 -0.10 11.82
N GLY A 324 -3.09 -1.27 12.11
CA GLY A 324 -4.32 -1.33 12.86
C GLY A 324 -5.57 -1.54 12.02
N LYS A 325 -5.44 -1.65 10.70
CA LYS A 325 -6.63 -1.83 9.87
C LYS A 325 -7.38 -3.09 10.27
N LEU A 326 -8.70 -3.04 10.15
CA LEU A 326 -9.49 -4.22 10.44
C LEU A 326 -9.82 -5.02 9.18
N GLN A 327 -9.48 -4.49 8.01
CA GLN A 327 -9.66 -5.21 6.75
C GLN A 327 -8.61 -4.71 5.77
N GLY A 328 -8.41 -5.47 4.70
CA GLY A 328 -7.40 -5.13 3.72
C GLY A 328 -7.62 -5.84 2.40
N HIS A 329 -6.83 -5.44 1.40
CA HIS A 329 -6.90 -6.06 0.06
C HIS A 329 -5.93 -7.25 0.01
N ASP A 330 -5.00 -7.34 0.97
CA ASP A 330 -4.07 -8.46 1.01
C ASP A 330 -3.53 -8.57 2.43
N VAL A 331 -2.66 -9.54 2.64
CA VAL A 331 -1.91 -9.66 3.89
C VAL A 331 -0.43 -9.58 3.54
N ASP A 332 0.32 -8.78 4.31
CA ASP A 332 1.73 -8.51 4.02
C ASP A 332 2.59 -9.07 5.15
N PHE A 333 3.63 -9.82 4.78
CA PHE A 333 4.51 -10.42 5.78
C PHE A 333 5.96 -10.10 5.45
N LEU A 334 6.76 -9.88 6.49
CA LEU A 334 8.20 -9.70 6.36
C LEU A 334 8.92 -10.80 7.14
N ILE A 335 9.87 -11.46 6.49
CA ILE A 335 10.55 -12.63 7.03
C ILE A 335 12.04 -12.34 7.17
N THR A 336 12.63 -12.79 8.28
CA THR A 336 14.06 -12.60 8.48
C THR A 336 14.57 -13.75 9.33
N HIS A 337 15.85 -13.67 9.71
CA HIS A 337 16.49 -14.65 10.58
C HIS A 337 17.56 -13.91 11.38
N PRO A 338 17.71 -14.21 12.67
CA PRO A 338 18.60 -13.38 13.51
C PRO A 338 20.08 -13.51 13.16
N LYS A 339 20.50 -14.54 12.41
CA LYS A 339 21.89 -14.69 12.03
C LYS A 339 22.05 -14.16 10.60
N GLU A 340 22.72 -13.01 10.47
CA GLU A 340 22.91 -12.37 9.16
C GLU A 340 23.42 -13.37 8.12
N GLY A 341 22.75 -13.41 6.98
CA GLY A 341 23.11 -14.27 5.88
C GLY A 341 22.34 -15.57 5.84
N GLN A 342 21.82 -16.04 6.98
CA GLN A 342 21.06 -17.29 6.97
C GLN A 342 19.76 -17.17 6.17
N GLU A 343 19.27 -15.95 5.93
CA GLU A 343 18.02 -15.79 5.17
C GLU A 343 18.20 -15.95 3.66
N ALA A 344 19.44 -16.00 3.17
CA ALA A 344 19.68 -16.14 1.74
C ALA A 344 19.03 -17.42 1.23
N GLY A 345 18.32 -17.30 0.11
CA GLY A 345 17.67 -18.46 -0.52
C GLY A 345 16.45 -18.97 0.20
N LEU A 346 15.93 -18.22 1.17
CA LEU A 346 14.83 -18.73 1.98
C LEU A 346 13.51 -18.79 1.22
N LEU A 347 13.17 -17.75 0.46
CA LEU A 347 11.80 -17.69 -0.03
C LEU A 347 11.46 -18.79 -1.04
N PRO A 348 12.37 -19.21 -1.93
CA PRO A 348 12.03 -20.38 -2.76
C PRO A 348 11.69 -21.61 -1.94
N ARG A 349 12.38 -21.81 -0.81
CA ARG A 349 12.10 -22.96 0.05
C ARG A 349 10.75 -22.82 0.73
N VAL A 350 10.39 -21.60 1.11
CA VAL A 350 9.10 -21.36 1.72
C VAL A 350 7.98 -21.62 0.72
N MET A 351 8.11 -21.05 -0.48
CA MET A 351 7.03 -21.15 -1.46
C MET A 351 6.82 -22.60 -1.88
N CYS A 352 7.91 -23.35 -2.05
CA CYS A 352 7.75 -24.75 -2.43
C CYS A 352 7.02 -25.53 -1.35
N ARG A 353 7.25 -25.20 -0.08
CA ARG A 353 6.56 -25.90 0.99
C ARG A 353 5.09 -25.52 1.05
N LEU A 354 4.77 -24.24 0.86
CA LEU A 354 3.36 -23.85 0.80
C LEU A 354 2.68 -24.47 -0.40
N GLN A 355 3.37 -24.52 -1.54
CA GLN A 355 2.85 -25.18 -2.73
C GLN A 355 2.47 -26.63 -2.46
N ASP A 356 3.34 -27.35 -1.76
CA ASP A 356 3.09 -28.77 -1.47
C ASP A 356 1.90 -28.95 -0.54
N GLN A 357 1.66 -27.97 0.34
CA GLN A 357 0.48 -27.99 1.19
C GLN A 357 -0.80 -27.72 0.41
N GLY A 358 -0.72 -27.42 -0.89
CA GLY A 358 -1.89 -27.09 -1.67
C GLY A 358 -2.47 -25.72 -1.41
N LEU A 359 -1.69 -24.82 -0.82
CA LEU A 359 -2.19 -23.54 -0.33
C LEU A 359 -1.96 -22.39 -1.30
N ILE A 360 -1.25 -22.60 -2.39
CA ILE A 360 -0.90 -21.52 -3.30
C ILE A 360 -1.75 -21.67 -4.55
N LEU A 361 -2.67 -20.73 -4.76
CA LEU A 361 -3.45 -20.71 -5.99
C LEU A 361 -2.67 -20.13 -7.15
N TYR A 362 -1.76 -19.20 -6.85
CA TYR A 362 -0.91 -18.62 -7.88
C TYR A 362 0.35 -18.04 -7.25
N HIS A 363 1.51 -18.33 -7.85
CA HIS A 363 2.68 -17.49 -7.62
C HIS A 363 3.59 -17.53 -8.84
N GLN A 364 4.47 -16.54 -8.93
CA GLN A 364 5.25 -16.29 -10.13
C GLN A 364 6.29 -17.37 -10.43
N HIS A 365 6.52 -18.32 -9.52
CA HIS A 365 7.55 -19.34 -9.72
C HIS A 365 6.98 -20.74 -9.53
N GLN A 366 5.69 -20.93 -9.82
CA GLN A 366 5.02 -22.19 -9.50
C GLN A 366 5.39 -23.32 -10.46
N ASP A 383 15.99 -17.22 -10.86
CA ASP A 383 15.80 -18.44 -10.07
C ASP A 383 15.70 -18.11 -8.58
N ALA A 384 16.63 -17.29 -8.10
CA ALA A 384 16.58 -16.80 -6.72
C ALA A 384 15.68 -15.58 -6.63
N PHE A 385 14.85 -15.54 -5.59
CA PHE A 385 13.99 -14.38 -5.40
C PHE A 385 13.77 -14.16 -3.91
N GLU A 386 13.38 -12.93 -3.57
CA GLU A 386 13.23 -12.52 -2.19
C GLU A 386 11.89 -11.85 -1.89
N ARG A 387 11.02 -11.74 -2.89
CA ARG A 387 9.68 -11.22 -2.71
C ARG A 387 8.73 -12.08 -3.52
N SER A 388 7.56 -12.34 -2.97
CA SER A 388 6.56 -13.11 -3.71
C SER A 388 5.21 -12.45 -3.51
N PHE A 389 4.53 -12.14 -4.62
CA PHE A 389 3.18 -11.57 -4.56
C PHE A 389 2.26 -12.67 -5.07
N CYS A 390 1.62 -13.35 -4.13
CA CYS A 390 0.86 -14.54 -4.57
C CYS A 390 -0.60 -14.48 -4.15
N ILE A 391 -1.30 -15.55 -4.49
CA ILE A 391 -2.70 -15.76 -4.17
C ILE A 391 -2.78 -17.06 -3.41
N PHE A 392 -3.30 -16.99 -2.19
CA PHE A 392 -3.39 -18.08 -1.24
C PHE A 392 -4.81 -18.62 -1.19
N ARG A 393 -4.90 -19.92 -0.91
CA ARG A 393 -6.20 -20.58 -0.61
C ARG A 393 -6.44 -20.51 0.90
N LEU A 394 -7.50 -19.81 1.32
CA LEU A 394 -7.74 -19.52 2.75
C LEU A 394 -9.06 -20.16 3.19
N PRO A 395 -9.07 -21.05 4.21
CA PRO A 395 -10.28 -21.76 4.61
C PRO A 395 -11.44 -20.79 4.90
N GLN A 396 -12.65 -21.19 4.50
CA GLN A 396 -13.90 -20.45 4.79
C GLN A 396 -14.91 -21.46 5.39
N PRO A 397 -16.13 -21.05 5.82
CA PRO A 397 -17.05 -22.01 6.40
C PRO A 397 -17.66 -22.87 5.28
N GLY A 398 -17.30 -24.16 5.28
CA GLY A 398 -17.78 -25.15 4.29
C GLY A 398 -17.12 -24.94 2.93
N SER A 399 -16.22 -23.95 2.85
CA SER A 399 -15.53 -23.61 1.57
C SER A 399 -14.24 -22.82 1.86
N TRP A 400 -13.57 -22.40 0.80
CA TRP A 400 -12.30 -21.61 0.89
C TRP A 400 -12.43 -20.37 -0.01
N LYS A 401 -11.55 -19.39 0.19
CA LYS A 401 -11.58 -18.17 -0.67
C LYS A 401 -10.13 -17.78 -1.03
N ALA A 402 -9.95 -17.16 -2.19
CA ALA A 402 -8.64 -16.69 -2.63
C ALA A 402 -8.31 -15.40 -1.89
N VAL A 403 -7.05 -15.27 -1.46
CA VAL A 403 -6.56 -14.09 -0.74
C VAL A 403 -5.17 -13.74 -1.25
N ARG A 404 -4.94 -12.45 -1.52
CA ARG A 404 -3.61 -11.98 -1.87
C ARG A 404 -2.70 -11.92 -0.64
N VAL A 405 -1.49 -12.46 -0.77
CA VAL A 405 -0.51 -12.45 0.30
C VAL A 405 0.82 -12.02 -0.28
N ASP A 406 1.48 -11.08 0.40
CA ASP A 406 2.81 -10.62 0.00
C ASP A 406 3.82 -11.13 1.02
N LEU A 407 4.90 -11.74 0.54
CA LEU A 407 5.97 -12.22 1.41
C LEU A 407 7.28 -11.59 0.97
N VAL A 408 8.00 -11.01 1.92
CA VAL A 408 9.25 -10.32 1.64
C VAL A 408 10.28 -10.84 2.63
N VAL A 409 11.48 -11.16 2.13
CA VAL A 409 12.60 -11.57 2.97
C VAL A 409 13.61 -10.42 3.05
N ALA A 410 14.10 -10.16 4.25
CA ALA A 410 15.20 -9.23 4.41
C ALA A 410 16.21 -9.78 5.40
N PRO A 411 17.51 -9.51 5.19
CA PRO A 411 18.50 -9.83 6.23
C PRO A 411 18.26 -8.96 7.44
N VAL A 412 18.68 -9.46 8.61
CA VAL A 412 18.32 -8.77 9.84
C VAL A 412 18.96 -7.38 9.89
N SER A 413 20.11 -7.19 9.25
CA SER A 413 20.72 -5.87 9.21
C SER A 413 19.80 -4.84 8.54
N GLN A 414 18.99 -5.27 7.56
CA GLN A 414 18.09 -4.38 6.85
C GLN A 414 16.66 -4.41 7.38
N PHE A 415 16.37 -5.29 8.35
CA PHE A 415 14.99 -5.49 8.79
C PHE A 415 14.30 -4.21 9.25
N PRO A 416 14.93 -3.32 10.02
CA PRO A 416 14.23 -2.08 10.40
C PRO A 416 13.80 -1.25 9.21
N PHE A 417 14.65 -1.18 8.18
CA PHE A 417 14.31 -0.41 7.00
C PHE A 417 13.21 -1.09 6.21
N ALA A 418 13.25 -2.42 6.11
CA ALA A 418 12.18 -3.11 5.38
C ALA A 418 10.86 -3.00 6.13
N LEU A 419 10.90 -3.13 7.46
CA LEU A 419 9.68 -3.01 8.24
C LEU A 419 9.08 -1.62 8.05
N LEU A 420 9.92 -0.59 8.13
CA LEU A 420 9.42 0.77 7.92
C LEU A 420 8.83 0.94 6.53
N GLY A 421 9.49 0.39 5.53
CA GLY A 421 9.02 0.61 4.17
C GLY A 421 7.76 -0.17 3.85
N TRP A 422 7.70 -1.44 4.28
CA TRP A 422 6.55 -2.28 3.95
C TRP A 422 5.38 -2.10 4.90
N THR A 423 5.58 -1.40 6.03
CA THR A 423 4.44 -1.08 6.90
C THR A 423 3.63 0.06 6.32
N GLY A 424 4.27 0.97 5.59
CA GLY A 424 3.48 2.02 4.98
C GLY A 424 2.93 3.02 6.00
N SER A 425 1.82 3.69 5.65
CA SER A 425 1.13 3.58 4.34
C SER A 425 2.01 3.96 3.15
N ALA A 426 1.55 3.62 1.95
CA ALA A 426 2.34 3.94 0.75
C ALA A 426 2.69 5.42 0.72
N LEU A 427 1.71 6.27 1.03
CA LEU A 427 1.97 7.71 1.03
C LEU A 427 2.90 8.12 2.17
N PHE A 428 2.72 7.53 3.35
CA PHE A 428 3.64 7.78 4.46
C PHE A 428 5.07 7.50 4.07
N ALA A 429 5.33 6.31 3.50
CA ALA A 429 6.69 5.94 3.15
C ALA A 429 7.25 6.84 2.05
N ARG A 430 6.41 7.20 1.08
N ARG A 430 6.42 7.18 1.05
CA ARG A 430 6.84 8.09 0.01
CA ARG A 430 6.84 8.11 0.01
C ARG A 430 7.19 9.47 0.56
C ARG A 430 7.26 9.44 0.62
N GLU A 431 6.42 9.96 1.52
CA GLU A 431 6.72 11.27 2.12
C GLU A 431 7.95 11.20 3.02
N LEU A 432 8.12 10.08 3.73
CA LEU A 432 9.32 9.91 4.55
C LEU A 432 10.58 9.91 3.70
N ARG A 433 10.55 9.25 2.54
N ARG A 433 10.55 9.24 2.55
CA ARG A 433 11.71 9.26 1.66
CA ARG A 433 11.71 9.27 1.66
C ARG A 433 11.93 10.64 1.05
C ARG A 433 11.93 10.64 1.06
N ARG A 434 10.84 11.33 0.71
CA ARG A 434 10.98 12.68 0.18
C ARG A 434 11.56 13.61 1.23
N PHE A 435 11.09 13.50 2.48
CA PHE A 435 11.61 14.29 3.58
C PHE A 435 13.09 14.01 3.79
N SER A 436 13.45 12.72 3.86
CA SER A 436 14.83 12.34 4.06
C SER A 436 15.74 13.01 3.04
N ARG A 437 15.40 12.86 1.75
CA ARG A 437 16.23 13.42 0.69
C ARG A 437 16.23 14.94 0.71
N LYS A 438 15.05 15.56 0.74
CA LYS A 438 14.95 16.99 0.52
C LYS A 438 15.33 17.80 1.75
N GLU A 439 14.93 17.36 2.94
CA GLU A 439 15.19 18.12 4.15
C GLU A 439 16.47 17.72 4.85
N LYS A 440 16.89 16.46 4.76
CA LYS A 440 18.05 15.99 5.49
C LYS A 440 19.21 15.56 4.61
N GLY A 441 19.03 15.50 3.29
CA GLY A 441 20.12 15.14 2.41
C GLY A 441 20.54 13.68 2.52
N LEU A 442 19.63 12.82 2.94
CA LEU A 442 19.91 11.39 3.11
C LEU A 442 18.95 10.58 2.25
N TRP A 443 19.44 9.46 1.72
CA TRP A 443 18.66 8.67 0.78
C TRP A 443 18.16 7.42 1.50
N LEU A 444 16.83 7.32 1.67
CA LEU A 444 16.19 6.25 2.40
C LEU A 444 15.51 5.30 1.43
N ASN A 445 15.65 3.99 1.67
CA ASN A 445 14.80 3.01 0.99
C ASN A 445 14.57 1.84 1.93
N SER A 446 14.02 0.75 1.39
CA SER A 446 13.69 -0.38 2.25
C SER A 446 14.91 -1.23 2.57
N HIS A 447 16.10 -0.82 2.12
CA HIS A 447 17.32 -1.53 2.44
C HIS A 447 18.26 -0.77 3.36
N GLY A 448 18.09 0.53 3.50
CA GLY A 448 18.99 1.27 4.36
C GLY A 448 18.83 2.77 4.16
N LEU A 449 19.78 3.50 4.76
CA LEU A 449 19.73 4.96 4.75
C LEU A 449 21.13 5.46 4.49
N PHE A 450 21.31 6.16 3.38
CA PHE A 450 22.62 6.46 2.81
C PHE A 450 22.94 7.95 2.96
N ASP A 451 24.15 8.25 3.44
CA ASP A 451 24.65 9.61 3.46
C ASP A 451 25.52 9.79 2.23
N PRO A 452 25.07 10.53 1.21
CA PRO A 452 25.83 10.61 -0.04
C PRO A 452 27.07 11.48 0.08
N GLU A 453 27.14 12.36 1.08
N GLU A 453 27.16 12.35 1.10
CA GLU A 453 28.36 13.15 1.30
CA GLU A 453 28.36 13.16 1.29
C GLU A 453 29.46 12.29 1.89
C GLU A 453 29.47 12.33 1.92
N GLN A 454 29.17 11.64 3.03
CA GLN A 454 30.14 10.75 3.68
C GLN A 454 30.25 9.39 2.98
N LYS A 455 29.33 9.05 2.08
CA LYS A 455 29.30 7.74 1.43
C LYS A 455 29.28 6.61 2.46
N THR A 456 28.33 6.70 3.37
CA THR A 456 28.17 5.73 4.46
C THR A 456 26.69 5.42 4.68
N PHE A 457 26.41 4.16 5.05
CA PHE A 457 25.08 3.70 5.42
C PHE A 457 24.92 3.76 6.93
N PHE A 458 23.78 4.30 7.38
CA PHE A 458 23.44 4.27 8.80
C PHE A 458 23.09 2.85 9.20
N GLN A 459 23.55 2.42 10.36
CA GLN A 459 23.08 1.15 10.88
C GLN A 459 21.84 1.44 11.71
N ALA A 460 20.87 0.54 11.66
CA ALA A 460 19.68 0.68 12.49
C ALA A 460 19.36 -0.65 13.12
N ALA A 461 19.03 -0.63 14.42
CA ALA A 461 18.57 -1.82 15.09
C ALA A 461 17.07 -1.82 15.30
N SER A 462 16.40 -0.72 14.98
CA SER A 462 14.98 -0.54 15.25
C SER A 462 14.44 0.56 14.35
N GLU A 463 13.12 0.56 14.15
CA GLU A 463 12.49 1.72 13.53
C GLU A 463 12.79 2.99 14.32
N GLU A 464 12.79 2.90 15.66
CA GLU A 464 13.12 4.06 16.48
C GLU A 464 14.48 4.66 16.09
N ASP A 465 15.47 3.80 15.84
CA ASP A 465 16.75 4.29 15.32
C ASP A 465 16.57 5.17 14.08
N ILE A 466 15.74 4.73 13.14
CA ILE A 466 15.65 5.44 11.87
C ILE A 466 14.99 6.80 12.06
N PHE A 467 13.90 6.87 12.83
CA PHE A 467 13.27 8.17 13.08
C PHE A 467 14.26 9.12 13.74
N ARG A 468 15.04 8.61 14.69
CA ARG A 468 16.07 9.45 15.32
C ARG A 468 17.11 9.91 14.30
N HIS A 469 17.57 9.02 13.42
CA HIS A 469 18.54 9.42 12.40
C HIS A 469 18.02 10.57 11.54
N LEU A 470 16.70 10.60 11.31
CA LEU A 470 16.08 11.62 10.46
C LEU A 470 15.59 12.82 11.23
N GLY A 471 15.81 12.85 12.55
CA GLY A 471 15.38 13.99 13.34
C GLY A 471 13.88 14.12 13.44
N LEU A 472 13.15 13.01 13.37
CA LEU A 472 11.70 12.98 13.45
C LEU A 472 11.25 12.33 14.75
N GLU A 473 10.19 12.87 15.36
CA GLU A 473 9.58 12.19 16.50
C GLU A 473 9.01 10.85 16.04
N TYR A 474 9.20 9.81 16.86
CA TYR A 474 8.77 8.47 16.47
C TYR A 474 7.25 8.41 16.31
N LEU A 475 6.81 7.68 15.30
CA LEU A 475 5.39 7.42 15.05
C LEU A 475 5.16 5.92 15.08
N PRO A 476 4.36 5.40 15.97
CA PRO A 476 4.01 3.98 15.92
C PRO A 476 3.22 3.68 14.66
N PRO A 477 3.16 2.41 14.25
CA PRO A 477 2.50 2.08 12.97
C PRO A 477 1.07 2.58 12.85
N GLU A 478 0.33 2.59 13.95
N GLU A 478 0.30 2.58 13.93
CA GLU A 478 -1.06 3.05 13.96
CA GLU A 478 -1.08 3.04 13.85
C GLU A 478 -1.19 4.55 13.71
C GLU A 478 -1.20 4.55 13.66
N GLN A 479 -0.10 5.29 13.71
CA GLN A 479 -0.12 6.71 13.41
C GLN A 479 0.57 7.01 12.09
N ARG A 480 0.77 5.99 11.24
CA ARG A 480 1.33 6.18 9.91
C ARG A 480 0.28 5.99 8.82
N ASN A 481 -0.98 6.21 9.15
CA ASN A 481 -2.07 6.00 8.19
C ASN A 481 -2.30 7.25 7.31
N ALA A 482 -1.22 7.75 6.72
N ALA A 482 -1.22 7.76 6.72
CA ALA A 482 -1.26 8.94 5.88
CA ALA A 482 -1.30 8.89 5.82
C ALA A 482 -2.11 8.73 4.63
C ALA A 482 -2.07 8.52 4.56
C1 GOL E . 8.75 -1.63 -2.90
O1 GOL E . 7.52 -1.88 -3.54
C2 GOL E . 8.41 -1.09 -1.49
O2 GOL E . 7.86 0.18 -1.52
C3 GOL E . 9.76 -1.11 -0.73
O3 GOL E . 9.50 -0.61 0.56
PG DGT F . -4.31 -2.79 1.88
O1G DGT F . -3.45 -3.98 1.55
O2G DGT F . -4.90 -2.15 0.64
O3G DGT F . -5.35 -3.09 2.92
O3B DGT F . -3.34 -1.70 2.53
PB DGT F . -1.74 -1.68 2.64
O1B DGT F . -1.30 -2.88 3.40
O2B DGT F . -1.31 -0.33 3.10
O3A DGT F . -1.35 -1.88 1.11
PA DGT F . -0.09 -2.58 0.41
O1A DGT F . 0.09 -3.93 1.01
O2A DGT F . -0.25 -2.48 -1.07
O5' DGT F . 1.08 -1.59 0.88
C5' DGT F . 2.14 -2.07 1.74
C4' DGT F . 3.48 -1.68 1.16
O4' DGT F . 3.52 -2.02 -0.25
C3' DGT F . 3.81 -0.20 1.20
O3' DGT F . 4.29 0.23 2.47
C2' DGT F . 4.92 -0.15 0.14
C1' DGT F . 4.37 -1.08 -0.91
N9 DGT F . 3.57 -0.37 -1.91
C8 DGT F . 2.23 -0.46 -2.17
N7 DGT F . 1.83 0.34 -3.14
C5 DGT F . 2.99 1.01 -3.53
C6 DGT F . 3.17 2.00 -4.52
O6 DGT F . 2.32 2.50 -5.27
N1 DGT F . 4.51 2.41 -4.60
C2 DGT F . 5.53 1.93 -3.81
N2 DGT F . 6.74 2.43 -4.01
N3 DGT F . 5.36 0.99 -2.87
C4 DGT F . 4.06 0.57 -2.78
MG MG G . 0.74 -5.85 -0.19
MG MG H . -1.56 -4.83 2.35
NA NA I . -3.52 -3.87 -10.39
MG MG J . 1.47 2.51 -11.26
#